data_1SW7
#
_entry.id   1SW7
#
_cell.length_a   87.218
_cell.length_b   87.218
_cell.length_c   162.942
_cell.angle_alpha   90.00
_cell.angle_beta   90.00
_cell.angle_gamma   90.00
#
_symmetry.space_group_name_H-M   'P 41 21 2'
#
loop_
_entity.id
_entity.type
_entity.pdbx_description
1 polymer 'Triosephosphate isomerase'
2 non-polymer '2-PHOSPHOGLYCOLIC ACID'
3 water water
#
_entity_poly.entity_id   1
_entity_poly.type   'polypeptide(L)'
_entity_poly.pdbx_seq_one_letter_code
;MAPRKFFVGGNWKMNGDKKSLGELIHTLNGAKLSADTEVVCGAPSIYLDFARQKLDAKIGVAAQNCYKVPKGAFTGEISP
AMIKDIGAAWVILGHSERRHVFGESDELIGQKVAHALAEGLGVIACIGEKLDEREAGITEKVVFEQTKAIADNVKDWSKV
VLAYEPVWAIGTGNSSTPQQAQEVHEKLRGWLKSHVSDAVAQSTRIIYGGSVTGGNCKELASQHDVDGFLVGGASLKPEF
VDIINAKH
;
_entity_poly.pdbx_strand_id   A,B
#
loop_
_chem_comp.id
_chem_comp.type
_chem_comp.name
_chem_comp.formula
PGA non-polymer '2-PHOSPHOGLYCOLIC ACID' 'C2 H5 O6 P'
#
# COMPACT_ATOMS: atom_id res chain seq x y z
N ARG A 4 6.14 21.96 -24.75
CA ARG A 4 5.66 21.01 -23.67
C ARG A 4 4.97 19.83 -24.29
N LYS A 5 5.46 18.63 -24.00
CA LYS A 5 4.89 17.40 -24.52
C LYS A 5 3.61 17.02 -23.77
N PHE A 6 2.56 16.73 -24.55
CA PHE A 6 1.29 16.21 -24.06
C PHE A 6 1.48 14.92 -23.26
N PHE A 7 0.86 14.85 -22.09
CA PHE A 7 1.06 13.77 -21.13
C PHE A 7 -0.26 13.14 -20.70
N VAL A 8 -0.36 11.82 -20.78
CA VAL A 8 -1.57 11.09 -20.37
C VAL A 8 -1.20 9.92 -19.48
N GLY A 9 -1.65 10.01 -18.23
CA GLY A 9 -1.50 8.95 -17.28
C GLY A 9 -2.82 8.23 -17.13
N GLY A 10 -2.75 6.93 -16.90
CA GLY A 10 -3.91 6.12 -16.62
C GLY A 10 -3.78 5.55 -15.23
N ASN A 11 -4.61 6.00 -14.30
CA ASN A 11 -4.61 5.46 -12.96
C ASN A 11 -5.63 4.33 -12.87
N TRP A 12 -5.15 3.09 -12.88
CA TRP A 12 -5.99 1.89 -12.82
C TRP A 12 -6.63 1.71 -11.43
N LYS A 13 -6.13 2.42 -10.44
CA LYS A 13 -6.64 2.33 -9.07
C LYS A 13 -6.62 0.86 -8.59
N MET A 14 -7.59 0.45 -7.78
CA MET A 14 -7.60 -0.92 -7.29
C MET A 14 -8.52 -1.74 -8.18
N ASN A 15 -8.03 -2.03 -9.38
CA ASN A 15 -8.76 -2.82 -10.35
C ASN A 15 -7.83 -3.75 -11.10
N GLY A 16 -8.35 -4.89 -11.50
CA GLY A 16 -7.66 -5.80 -12.37
C GLY A 16 -7.15 -7.07 -11.70
N ASP A 17 -6.96 -8.07 -12.52
CA ASP A 17 -6.15 -9.21 -12.19
C ASP A 17 -5.19 -9.42 -13.37
N LYS A 18 -4.35 -10.44 -13.29
CA LYS A 18 -3.33 -10.62 -14.32
C LYS A 18 -3.97 -10.81 -15.71
N LYS A 19 -5.07 -11.56 -15.77
CA LYS A 19 -5.78 -11.79 -17.03
C LYS A 19 -6.35 -10.49 -17.62
N SER A 20 -7.18 -9.77 -16.86
CA SER A 20 -7.84 -8.56 -17.37
C SER A 20 -6.84 -7.42 -17.65
N LEU A 21 -5.81 -7.30 -16.81
CA LEU A 21 -4.76 -6.31 -17.06
C LEU A 21 -3.87 -6.72 -18.25
N GLY A 22 -3.74 -8.03 -18.48
CA GLY A 22 -3.04 -8.55 -19.65
C GLY A 22 -3.74 -8.19 -20.94
N GLU A 23 -5.06 -8.31 -20.96
CA GLU A 23 -5.90 -7.90 -22.09
C GLU A 23 -5.84 -6.38 -22.30
N LEU A 24 -5.97 -5.62 -21.22
CA LEU A 24 -5.85 -4.16 -21.26
C LEU A 24 -4.52 -3.72 -21.92
N ILE A 25 -3.43 -4.27 -21.41
CA ILE A 25 -2.09 -3.95 -21.86
C ILE A 25 -1.88 -4.35 -23.32
N HIS A 26 -2.35 -5.56 -23.67
CA HIS A 26 -2.29 -6.08 -25.04
C HIS A 26 -2.99 -5.14 -26.03
N THR A 27 -4.14 -4.62 -25.65
CA THR A 27 -4.89 -3.68 -26.50
C THR A 27 -4.09 -2.39 -26.68
N LEU A 28 -3.57 -1.85 -25.57
CA LEU A 28 -2.71 -0.67 -25.62
C LEU A 28 -1.49 -0.86 -26.55
N ASN A 29 -0.82 -1.99 -26.41
CA ASN A 29 0.38 -2.31 -27.18
C ASN A 29 0.16 -2.34 -28.68
N GLY A 30 -1.04 -2.71 -29.09
CA GLY A 30 -1.38 -2.84 -30.50
C GLY A 30 -2.22 -1.70 -31.04
N ALA A 31 -2.45 -0.67 -30.23
CA ALA A 31 -3.30 0.46 -30.59
C ALA A 31 -2.50 1.51 -31.38
N LYS A 32 -3.19 2.29 -32.20
CA LYS A 32 -2.60 3.42 -32.93
C LYS A 32 -2.61 4.65 -32.01
N LEU A 33 -1.42 5.00 -31.51
CA LEU A 33 -1.26 6.09 -30.55
C LEU A 33 -0.45 7.22 -31.16
N SER A 34 -0.89 8.44 -30.90
CA SER A 34 -0.15 9.62 -31.35
C SER A 34 1.22 9.53 -30.76
N ALA A 35 2.23 9.64 -31.61
CA ALA A 35 3.59 9.35 -31.17
C ALA A 35 4.06 10.31 -30.09
N ASP A 36 3.60 11.55 -30.13
CA ASP A 36 4.07 12.56 -29.17
C ASP A 36 3.12 12.78 -27.99
N THR A 37 2.39 11.74 -27.61
CA THR A 37 1.81 11.68 -26.28
C THR A 37 2.75 10.82 -25.44
N GLU A 38 3.17 11.37 -24.30
CA GLU A 38 3.89 10.62 -23.27
C GLU A 38 2.83 9.89 -22.45
N VAL A 39 2.85 8.56 -22.47
CA VAL A 39 1.83 7.74 -21.83
C VAL A 39 2.44 7.02 -20.63
N VAL A 40 1.71 7.04 -19.51
CA VAL A 40 2.12 6.35 -18.28
C VAL A 40 0.91 5.66 -17.67
N CYS A 41 1.08 4.37 -17.33
CA CYS A 41 0.05 3.56 -16.70
C CYS A 41 0.40 3.25 -15.21
N GLY A 42 -0.45 3.70 -14.29
CA GLY A 42 -0.28 3.43 -12.86
C GLY A 42 -1.03 2.19 -12.42
N ALA A 43 -0.27 1.13 -12.17
CA ALA A 43 -0.82 -0.19 -11.89
C ALA A 43 -0.81 -0.44 -10.39
N PRO A 44 -1.67 -1.33 -9.90
CA PRO A 44 -1.61 -1.70 -8.49
C PRO A 44 -0.24 -2.29 -8.19
N SER A 45 0.24 -2.07 -6.95
CA SER A 45 1.61 -2.37 -6.59
C SER A 45 1.91 -3.84 -6.83
N ILE A 46 0.92 -4.69 -6.56
CA ILE A 46 1.05 -6.14 -6.69
C ILE A 46 1.26 -6.62 -8.15
N TYR A 47 0.96 -5.73 -9.11
CA TYR A 47 1.13 -6.00 -10.54
C TYR A 47 2.08 -5.02 -11.25
N LEU A 48 2.88 -4.24 -10.53
CA LEU A 48 3.83 -3.32 -11.18
C LEU A 48 4.86 -4.05 -12.05
N ASP A 49 5.41 -5.13 -11.50
CA ASP A 49 6.44 -5.92 -12.18
C ASP A 49 5.84 -6.55 -13.44
N PHE A 50 4.67 -7.17 -13.29
CA PHE A 50 3.96 -7.77 -14.40
C PHE A 50 3.69 -6.72 -15.49
N ALA A 51 3.17 -5.57 -15.08
CA ALA A 51 2.77 -4.53 -16.02
C ALA A 51 3.96 -3.98 -16.83
N ARG A 52 5.13 -3.84 -16.21
CA ARG A 52 6.32 -3.30 -16.87
C ARG A 52 6.92 -4.34 -17.82
N GLN A 53 6.90 -5.62 -17.43
CA GLN A 53 7.31 -6.70 -18.34
C GLN A 53 6.42 -6.72 -19.61
N LYS A 54 5.11 -6.58 -19.43
CA LYS A 54 4.15 -6.77 -20.54
C LYS A 54 3.96 -5.52 -21.41
N LEU A 55 3.98 -4.34 -20.80
CA LEU A 55 3.74 -3.10 -21.54
C LEU A 55 4.94 -2.77 -22.42
N ASP A 56 4.66 -2.27 -23.61
CA ASP A 56 5.69 -1.78 -24.49
C ASP A 56 6.59 -0.77 -23.75
N ALA A 57 7.91 -0.88 -23.93
CA ALA A 57 8.91 -0.06 -23.22
C ALA A 57 8.72 1.45 -23.37
N LYS A 58 8.12 1.90 -24.47
CA LYS A 58 7.85 3.31 -24.71
C LYS A 58 6.62 3.84 -23.94
N ILE A 59 5.88 2.93 -23.30
CA ILE A 59 4.84 3.30 -22.36
C ILE A 59 5.39 3.16 -20.95
N GLY A 60 5.34 4.24 -20.17
CA GLY A 60 5.86 4.23 -18.81
C GLY A 60 4.93 3.55 -17.80
N VAL A 61 5.50 3.21 -16.65
CA VAL A 61 4.77 2.57 -15.57
C VAL A 61 4.98 3.37 -14.29
N ALA A 62 3.86 3.67 -13.60
CA ALA A 62 3.88 4.37 -12.32
C ALA A 62 3.32 3.51 -11.19
N ALA A 63 3.99 3.54 -10.03
CA ALA A 63 3.39 3.09 -8.78
C ALA A 63 2.33 4.10 -8.42
N GLN A 64 1.29 3.66 -7.72
CA GLN A 64 0.16 4.52 -7.38
C GLN A 64 0.38 5.21 -6.04
N ASN A 65 1.48 4.88 -5.39
CA ASN A 65 1.90 5.49 -4.12
C ASN A 65 3.24 4.87 -3.70
N CYS A 66 3.95 5.55 -2.81
CA CYS A 66 5.12 4.99 -2.15
C CYS A 66 5.38 5.71 -0.87
N TYR A 67 6.37 5.24 -0.12
CA TYR A 67 6.73 5.83 1.16
C TYR A 67 8.03 6.62 1.00
N LYS A 68 8.59 7.15 2.09
CA LYS A 68 9.55 8.25 2.00
C LYS A 68 10.98 7.95 2.43
N VAL A 69 11.28 6.68 2.66
CA VAL A 69 12.64 6.21 2.85
C VAL A 69 12.78 4.89 2.08
N PRO A 70 14.01 4.46 1.79
CA PRO A 70 14.22 3.24 0.97
C PRO A 70 13.74 1.91 1.61
N LYS A 71 13.86 1.80 2.92
CA LYS A 71 13.55 0.57 3.65
C LYS A 71 13.19 0.91 5.10
N GLY A 72 12.60 -0.05 5.81
CA GLY A 72 12.30 0.08 7.23
C GLY A 72 10.99 -0.55 7.67
N ALA A 73 10.64 -0.30 8.93
CA ALA A 73 9.52 -0.93 9.60
C ALA A 73 8.19 -0.22 9.26
N PHE A 74 7.75 -0.36 8.02
CA PHE A 74 6.51 0.23 7.51
C PHE A 74 5.74 -0.86 6.75
N THR A 75 5.17 -1.77 7.53
CA THR A 75 4.36 -2.84 7.02
C THR A 75 3.34 -2.27 6.04
N GLY A 76 3.30 -2.85 4.83
CA GLY A 76 2.33 -2.47 3.80
C GLY A 76 2.78 -1.42 2.81
N GLU A 77 3.95 -0.83 3.02
CA GLU A 77 4.45 0.26 2.17
C GLU A 77 5.49 -0.24 1.18
N ILE A 78 5.64 0.48 0.07
CA ILE A 78 6.73 0.22 -0.86
C ILE A 78 7.56 1.49 -1.02
N SER A 79 8.82 1.32 -1.41
CA SER A 79 9.72 2.46 -1.61
C SER A 79 10.05 2.66 -3.08
N PRO A 80 10.53 3.86 -3.41
CA PRO A 80 11.12 4.09 -4.73
C PRO A 80 12.18 3.07 -5.13
N ALA A 81 13.00 2.60 -4.18
CA ALA A 81 14.06 1.66 -4.53
C ALA A 81 13.43 0.40 -5.12
N MET A 82 12.29 -0.01 -4.56
CA MET A 82 11.57 -1.21 -5.03
C MET A 82 10.94 -1.01 -6.38
N ILE A 83 10.43 0.20 -6.59
CA ILE A 83 9.75 0.57 -7.82
C ILE A 83 10.76 0.55 -9.00
N LYS A 84 11.93 1.14 -8.80
CA LYS A 84 13.01 1.09 -9.80
C LYS A 84 13.57 -0.32 -9.98
N ASP A 85 13.63 -1.11 -8.91
CA ASP A 85 14.11 -2.50 -9.01
C ASP A 85 13.25 -3.31 -10.01
N ILE A 86 11.99 -2.92 -10.13
CA ILE A 86 11.00 -3.56 -10.99
C ILE A 86 10.96 -2.97 -12.41
N GLY A 87 11.72 -1.91 -12.64
CA GLY A 87 11.86 -1.32 -13.97
C GLY A 87 10.96 -0.12 -14.23
N ALA A 88 10.11 0.25 -13.26
CA ALA A 88 9.20 1.39 -13.41
C ALA A 88 9.92 2.69 -13.06
N ALA A 89 9.50 3.78 -13.70
CA ALA A 89 10.17 5.07 -13.57
C ALA A 89 9.30 6.20 -13.01
N TRP A 90 8.06 5.91 -12.60
CA TRP A 90 7.18 6.95 -12.08
C TRP A 90 6.46 6.53 -10.81
N VAL A 91 5.99 7.52 -10.07
CA VAL A 91 5.05 7.31 -8.97
C VAL A 91 4.04 8.46 -8.92
N ILE A 92 2.80 8.13 -8.64
CA ILE A 92 1.76 9.12 -8.38
C ILE A 92 1.70 9.38 -6.88
N LEU A 93 1.81 10.65 -6.50
CA LEU A 93 1.84 11.03 -5.10
C LEU A 93 0.81 12.09 -4.81
N GLY A 94 0.17 12.00 -3.64
CA GLY A 94 -0.76 13.02 -3.18
C GLY A 94 -2.12 12.93 -3.83
N HIS A 95 -2.40 11.79 -4.44
CA HIS A 95 -3.72 11.56 -5.00
C HIS A 95 -4.83 11.80 -4.00
N SER A 96 -5.92 12.35 -4.51
CA SER A 96 -7.07 12.67 -3.70
C SER A 96 -7.49 11.54 -2.77
N GLU A 97 -7.49 10.31 -3.27
CA GLU A 97 -7.86 9.17 -2.44
C GLU A 97 -6.85 8.95 -1.31
N ARG A 98 -5.56 9.19 -1.57
CA ARG A 98 -4.57 9.10 -0.48
C ARG A 98 -4.81 10.16 0.59
N ARG A 99 -5.13 11.39 0.17
CA ARG A 99 -5.38 12.50 1.11
C ARG A 99 -6.67 12.36 1.91
N HIS A 100 -7.76 11.95 1.25
CA HIS A 100 -9.12 12.12 1.80
C HIS A 100 -9.79 10.84 2.25
N VAL A 101 -9.28 9.70 1.82
CA VAL A 101 -9.67 8.42 2.38
C VAL A 101 -8.60 7.93 3.37
N PHE A 102 -7.33 8.10 3.02
CA PHE A 102 -6.23 7.62 3.86
C PHE A 102 -5.47 8.70 4.67
N GLY A 103 -6.05 9.89 4.80
CA GLY A 103 -5.53 10.96 5.64
C GLY A 103 -4.08 11.42 5.40
N GLU A 104 -3.56 11.25 4.17
CA GLU A 104 -2.17 11.66 3.91
C GLU A 104 -2.06 13.20 3.93
N SER A 105 -1.16 13.72 4.75
CA SER A 105 -1.00 15.17 4.92
C SER A 105 -0.14 15.77 3.82
N ASP A 106 -0.17 17.11 3.71
CA ASP A 106 0.70 17.86 2.81
C ASP A 106 2.18 17.61 3.13
N GLU A 107 2.51 17.63 4.42
CA GLU A 107 3.87 17.38 4.91
C GLU A 107 4.39 16.02 4.45
N LEU A 108 3.57 14.99 4.60
CA LEU A 108 3.98 13.63 4.28
C LEU A 108 4.18 13.51 2.77
N ILE A 109 3.26 14.08 2.00
CA ILE A 109 3.33 14.06 0.55
C ILE A 109 4.57 14.77 0.04
N GLY A 110 4.94 15.87 0.68
CA GLY A 110 6.14 16.61 0.31
C GLY A 110 7.42 15.83 0.58
N GLN A 111 7.42 15.08 1.67
CA GLN A 111 8.52 14.19 2.01
C GLN A 111 8.64 13.06 0.97
N LYS A 112 7.51 12.51 0.54
CA LYS A 112 7.49 11.43 -0.44
C LYS A 112 8.01 11.94 -1.78
N VAL A 113 7.61 13.16 -2.14
CA VAL A 113 8.06 13.80 -3.37
C VAL A 113 9.57 13.99 -3.34
N ALA A 114 10.11 14.50 -2.24
CA ALA A 114 11.54 14.73 -2.14
C ALA A 114 12.33 13.43 -2.30
N HIS A 115 11.84 12.36 -1.67
CA HIS A 115 12.55 11.09 -1.67
C HIS A 115 12.46 10.42 -3.04
N ALA A 116 11.27 10.41 -3.61
CA ALA A 116 11.06 9.78 -4.89
C ALA A 116 11.96 10.40 -5.93
N LEU A 117 12.00 11.73 -5.98
CA LEU A 117 12.85 12.44 -6.92
C LEU A 117 14.34 12.17 -6.70
N ALA A 118 14.79 12.12 -5.45
CA ALA A 118 16.21 11.84 -5.16
C ALA A 118 16.60 10.42 -5.57
N GLU A 119 15.64 9.51 -5.54
CA GLU A 119 15.89 8.12 -5.93
C GLU A 119 15.84 7.91 -7.45
N GLY A 120 15.56 8.96 -8.21
CA GLY A 120 15.57 8.89 -9.67
C GLY A 120 14.22 8.56 -10.29
N LEU A 121 13.13 8.59 -9.51
CA LEU A 121 11.79 8.45 -10.09
C LEU A 121 11.25 9.79 -10.61
N GLY A 122 10.30 9.72 -11.54
CA GLY A 122 9.44 10.85 -11.86
C GLY A 122 8.19 10.82 -10.99
N VAL A 123 7.61 12.00 -10.76
CA VAL A 123 6.44 12.15 -9.91
C VAL A 123 5.31 12.84 -10.66
N ILE A 124 4.12 12.24 -10.59
CA ILE A 124 2.86 12.90 -10.92
C ILE A 124 2.31 13.32 -9.58
N ALA A 125 2.45 14.60 -9.26
CA ALA A 125 1.99 15.16 -7.99
C ALA A 125 0.61 15.76 -8.12
N CYS A 126 -0.34 15.24 -7.34
CA CYS A 126 -1.74 15.63 -7.44
C CYS A 126 -2.13 16.68 -6.41
N ILE A 127 -2.88 17.68 -6.86
CA ILE A 127 -3.49 18.69 -6.03
C ILE A 127 -4.95 18.85 -6.46
N GLY A 128 -5.78 19.42 -5.59
CA GLY A 128 -7.17 19.71 -5.91
C GLY A 128 -8.01 20.14 -4.70
N GLU A 129 -9.06 20.90 -4.96
CA GLU A 129 -9.97 21.42 -3.95
C GLU A 129 -11.23 20.57 -3.88
N LYS A 130 -11.84 20.58 -2.69
CA LYS A 130 -13.15 19.96 -2.44
C LYS A 130 -14.24 20.94 -2.80
N LEU A 131 -15.45 20.41 -2.94
CA LEU A 131 -16.58 21.19 -3.36
C LEU A 131 -16.84 22.34 -2.42
N ASP A 132 -16.76 22.08 -1.11
CA ASP A 132 -17.05 23.16 -0.14
C ASP A 132 -16.01 24.30 -0.23
N GLU A 133 -14.78 23.95 -0.53
CA GLU A 133 -13.72 24.91 -0.78
C GLU A 133 -13.99 25.68 -2.07
N ARG A 134 -14.40 24.99 -3.14
CA ARG A 134 -14.74 25.70 -4.38
C ARG A 134 -15.85 26.72 -4.16
N GLU A 135 -16.90 26.28 -3.48
CA GLU A 135 -18.07 27.12 -3.25
C GLU A 135 -17.78 28.33 -2.35
N ALA A 136 -16.90 28.17 -1.37
CA ALA A 136 -16.52 29.28 -0.50
C ALA A 136 -15.58 30.24 -1.23
N GLY A 137 -15.08 29.81 -2.39
CA GLY A 137 -14.23 30.66 -3.22
C GLY A 137 -12.73 30.51 -3.00
N ILE A 138 -12.30 29.47 -2.27
CA ILE A 138 -10.87 29.25 -1.99
C ILE A 138 -10.16 28.32 -2.93
N THR A 139 -10.70 27.99 -4.09
CA THR A 139 -10.04 27.01 -4.94
C THR A 139 -8.54 27.29 -5.06
N GLU A 140 -8.23 28.55 -5.29
CA GLU A 140 -6.86 28.95 -5.58
C GLU A 140 -5.97 28.86 -4.32
N LYS A 141 -6.46 29.35 -3.19
CA LYS A 141 -5.68 29.30 -1.96
C LYS A 141 -5.38 27.84 -1.57
N VAL A 142 -6.33 26.94 -1.81
CA VAL A 142 -6.15 25.54 -1.47
C VAL A 142 -5.10 24.87 -2.37
N VAL A 143 -5.22 25.01 -3.69
CA VAL A 143 -4.24 24.39 -4.59
C VAL A 143 -2.86 25.04 -4.51
N PHE A 144 -2.82 26.33 -4.17
CA PHE A 144 -1.54 27.03 -3.96
C PHE A 144 -0.84 26.46 -2.72
N GLU A 145 -1.57 26.30 -1.62
CA GLU A 145 -1.03 25.69 -0.42
C GLU A 145 -0.49 24.27 -0.68
N GLN A 146 -1.26 23.44 -1.38
CA GLN A 146 -0.82 22.08 -1.73
C GLN A 146 0.39 22.04 -2.68
N THR A 147 0.41 22.92 -3.67
CA THR A 147 1.50 23.01 -4.64
C THR A 147 2.80 23.45 -3.98
N LYS A 148 2.71 24.43 -3.08
CA LYS A 148 3.87 24.91 -2.32
C LYS A 148 4.49 23.78 -1.49
N ALA A 149 3.64 22.99 -0.82
CA ALA A 149 4.12 21.88 0.00
C ALA A 149 4.83 20.82 -0.87
N ILE A 150 4.42 20.72 -2.14
CA ILE A 150 5.18 19.95 -3.11
C ILE A 150 6.44 20.68 -3.59
N ALA A 151 6.32 21.96 -3.94
CA ALA A 151 7.42 22.71 -4.57
C ALA A 151 8.63 22.92 -3.65
N ASP A 152 8.37 23.04 -2.35
CA ASP A 152 9.42 23.18 -1.33
C ASP A 152 10.31 21.95 -1.28
N ASN A 153 9.82 20.85 -1.87
CA ASN A 153 10.51 19.57 -1.94
C ASN A 153 10.91 19.13 -3.35
N VAL A 154 10.84 20.04 -4.31
CA VAL A 154 11.27 19.81 -5.69
C VAL A 154 12.47 20.72 -5.98
N LYS A 155 13.63 20.11 -6.16
CA LYS A 155 14.84 20.84 -6.52
C LYS A 155 14.97 20.91 -8.04
N ASP A 156 14.49 19.87 -8.72
CA ASP A 156 14.54 19.73 -10.18
C ASP A 156 13.17 19.29 -10.74
N TRP A 157 12.54 20.16 -11.54
CA TRP A 157 11.20 19.95 -12.10
C TRP A 157 11.13 19.10 -13.39
N SER A 158 12.29 18.74 -13.97
CA SER A 158 12.36 17.95 -15.20
C SER A 158 11.47 16.71 -15.15
N LYS A 159 11.47 16.04 -14.00
CA LYS A 159 10.77 14.76 -13.81
C LYS A 159 9.47 14.89 -12.96
N VAL A 160 8.93 16.11 -12.86
CA VAL A 160 7.65 16.37 -12.17
C VAL A 160 6.55 16.81 -13.16
N VAL A 161 5.37 16.22 -12.98
CA VAL A 161 4.13 16.61 -13.64
C VAL A 161 3.08 16.91 -12.56
N LEU A 162 2.50 18.12 -12.56
CA LEU A 162 1.44 18.44 -11.60
C LEU A 162 0.10 18.01 -12.17
N ALA A 163 -0.74 17.44 -11.32
CA ALA A 163 -2.04 16.92 -11.74
C ALA A 163 -3.11 17.60 -10.95
N TYR A 164 -3.83 18.50 -11.59
CA TYR A 164 -4.99 19.13 -10.99
C TYR A 164 -6.25 18.28 -11.19
N GLU A 165 -6.78 17.78 -10.09
CA GLU A 165 -8.03 17.04 -10.09
C GLU A 165 -8.96 17.54 -9.00
N PRO A 166 -10.02 18.26 -9.36
CA PRO A 166 -11.00 18.67 -8.35
C PRO A 166 -11.55 17.39 -7.73
N VAL A 167 -11.68 17.36 -6.40
CA VAL A 167 -12.16 16.19 -5.71
C VAL A 167 -13.57 15.82 -6.19
N TRP A 168 -14.39 16.84 -6.44
CA TRP A 168 -15.79 16.67 -6.85
C TRP A 168 -15.93 16.17 -8.28
N ALA A 169 -14.82 16.14 -9.01
CA ALA A 169 -14.78 15.62 -10.37
C ALA A 169 -14.29 14.19 -10.51
N ILE A 170 -13.68 13.64 -9.45
CA ILE A 170 -13.08 12.32 -9.52
C ILE A 170 -14.16 11.23 -9.37
N GLY A 171 -14.43 10.51 -10.46
CA GLY A 171 -15.32 9.35 -10.41
C GLY A 171 -16.82 9.67 -10.38
N THR A 172 -17.16 10.95 -10.45
CA THR A 172 -18.53 11.39 -10.29
C THR A 172 -19.27 11.55 -11.60
N GLY A 173 -18.56 11.58 -12.71
CA GLY A 173 -19.17 11.97 -13.98
C GLY A 173 -19.34 13.48 -14.13
N ASN A 174 -18.85 14.26 -13.17
CA ASN A 174 -18.94 15.71 -13.27
C ASN A 174 -17.56 16.32 -13.54
N SER A 175 -17.12 16.36 -14.79
CA SER A 175 -15.81 16.93 -15.04
C SER A 175 -15.87 18.45 -14.92
N SER A 176 -14.72 19.04 -14.65
CA SER A 176 -14.58 20.45 -14.74
C SER A 176 -14.84 20.85 -16.22
N THR A 177 -15.52 21.97 -16.44
CA THR A 177 -15.62 22.58 -17.76
C THR A 177 -14.23 22.89 -18.31
N PRO A 178 -14.04 22.94 -19.62
CA PRO A 178 -12.79 23.43 -20.20
C PRO A 178 -12.34 24.76 -19.58
N GLN A 179 -13.23 25.76 -19.51
CA GLN A 179 -12.94 27.08 -18.90
C GLN A 179 -12.47 26.93 -17.45
N GLN A 180 -13.18 26.13 -16.67
CA GLN A 180 -12.86 25.92 -15.25
C GLN A 180 -11.47 25.36 -15.04
N ALA A 181 -11.08 24.39 -15.89
CA ALA A 181 -9.76 23.77 -15.77
C ALA A 181 -8.68 24.73 -16.21
N GLN A 182 -8.91 25.40 -17.33
CA GLN A 182 -7.99 26.38 -17.88
C GLN A 182 -7.65 27.46 -16.83
N GLU A 183 -8.65 27.96 -16.11
CA GLU A 183 -8.42 29.04 -15.15
C GLU A 183 -7.57 28.54 -13.97
N VAL A 184 -7.78 27.32 -13.51
CA VAL A 184 -6.93 26.78 -12.45
C VAL A 184 -5.52 26.50 -12.97
N HIS A 185 -5.41 25.91 -14.16
CA HIS A 185 -4.12 25.55 -14.72
C HIS A 185 -3.29 26.82 -14.96
N GLU A 186 -3.97 27.86 -15.44
CA GLU A 186 -3.34 29.15 -15.70
C GLU A 186 -2.80 29.74 -14.40
N LYS A 187 -3.62 29.70 -13.36
CA LYS A 187 -3.20 30.21 -12.05
C LYS A 187 -2.06 29.37 -11.49
N LEU A 188 -2.12 28.05 -11.66
CA LEU A 188 -1.04 27.20 -11.18
C LEU A 188 0.27 27.52 -11.92
N ARG A 189 0.19 27.80 -13.21
CA ARG A 189 1.39 28.07 -14.01
C ARG A 189 1.96 29.42 -13.61
N GLY A 190 1.09 30.38 -13.32
CA GLY A 190 1.46 31.68 -12.79
C GLY A 190 2.12 31.55 -11.42
N TRP A 191 1.69 30.58 -10.62
CA TRP A 191 2.32 30.27 -9.34
C TRP A 191 3.76 29.80 -9.52
N LEU A 192 3.99 28.90 -10.47
CA LEU A 192 5.34 28.41 -10.75
C LEU A 192 6.27 29.51 -11.26
N LYS A 193 5.72 30.41 -12.06
CA LYS A 193 6.47 31.55 -12.59
C LYS A 193 6.91 32.50 -11.46
N SER A 194 5.98 32.82 -10.56
CA SER A 194 6.26 33.70 -9.42
C SER A 194 7.18 33.07 -8.36
N HIS A 195 7.06 31.77 -8.11
CA HIS A 195 7.70 31.13 -6.95
C HIS A 195 8.93 30.27 -7.26
N VAL A 196 9.04 29.73 -8.46
CA VAL A 196 10.23 28.97 -8.86
C VAL A 196 11.03 29.75 -9.92
N SER A 197 10.57 29.73 -11.17
CA SER A 197 11.17 30.49 -12.27
C SER A 197 10.25 30.50 -13.49
N ASP A 198 10.55 31.35 -14.47
CA ASP A 198 9.82 31.37 -15.74
C ASP A 198 10.07 30.09 -16.55
N ALA A 199 11.32 29.62 -16.58
CA ALA A 199 11.67 28.40 -17.31
C ALA A 199 10.90 27.17 -16.82
N VAL A 200 10.63 27.13 -15.51
CA VAL A 200 9.93 26.01 -14.87
C VAL A 200 8.43 26.08 -15.13
N ALA A 201 7.87 27.28 -15.10
CA ALA A 201 6.47 27.48 -15.49
C ALA A 201 6.22 27.08 -16.93
N GLN A 202 7.10 27.47 -17.85
CA GLN A 202 6.85 27.18 -19.26
C GLN A 202 7.14 25.71 -19.64
N SER A 203 7.98 24.99 -18.87
CA SER A 203 8.29 23.59 -19.20
C SER A 203 7.53 22.53 -18.39
N THR A 204 6.89 22.92 -17.28
CA THR A 204 6.22 21.97 -16.41
C THR A 204 4.79 21.62 -16.88
N ARG A 205 4.55 20.34 -17.16
CA ARG A 205 3.21 19.88 -17.54
C ARG A 205 2.25 19.97 -16.36
N ILE A 206 1.11 20.61 -16.58
CA ILE A 206 0.02 20.57 -15.63
C ILE A 206 -1.13 19.86 -16.33
N ILE A 207 -1.47 18.66 -15.86
CA ILE A 207 -2.52 17.84 -16.46
C ILE A 207 -3.80 17.86 -15.63
N TYR A 208 -4.91 17.69 -16.31
CA TYR A 208 -6.21 17.73 -15.66
C TYR A 208 -6.68 16.29 -15.45
N GLY A 209 -7.39 16.08 -14.37
CA GLY A 209 -8.09 14.83 -14.17
C GLY A 209 -9.37 15.01 -13.39
N GLY A 210 -10.28 14.06 -13.54
CA GLY A 210 -11.61 14.17 -12.98
C GLY A 210 -12.64 13.90 -14.04
N SER A 211 -12.97 12.63 -14.22
CA SER A 211 -13.99 12.18 -15.15
C SER A 211 -13.65 12.57 -16.59
N VAL A 212 -12.38 12.45 -16.97
CA VAL A 212 -11.97 12.63 -18.36
C VAL A 212 -12.44 11.40 -19.16
N THR A 213 -13.09 11.67 -20.30
CA THR A 213 -13.57 10.65 -21.19
C THR A 213 -13.17 10.94 -22.63
N GLY A 214 -13.36 9.94 -23.49
CA GLY A 214 -13.18 10.10 -24.92
C GLY A 214 -14.07 11.19 -25.49
N GLY A 215 -15.28 11.32 -24.93
CA GLY A 215 -16.23 12.32 -25.36
C GLY A 215 -15.91 13.77 -24.94
N ASN A 216 -15.15 13.97 -23.87
CA ASN A 216 -14.87 15.32 -23.40
C ASN A 216 -13.38 15.74 -23.46
N CYS A 217 -12.48 14.82 -23.80
CA CYS A 217 -11.03 15.11 -23.74
C CYS A 217 -10.53 16.16 -24.74
N LYS A 218 -11.08 16.17 -25.94
CA LYS A 218 -10.64 17.10 -27.01
C LYS A 218 -10.74 18.57 -26.58
N GLU A 219 -11.90 18.94 -26.04
CA GLU A 219 -12.17 20.32 -25.63
C GLU A 219 -11.29 20.72 -24.44
N LEU A 220 -11.02 19.80 -23.52
CA LEU A 220 -10.14 20.12 -22.39
C LEU A 220 -8.70 20.33 -22.88
N ALA A 221 -8.26 19.51 -23.83
CA ALA A 221 -6.86 19.49 -24.24
C ALA A 221 -6.50 20.67 -25.14
N SER A 222 -7.50 21.28 -25.77
CA SER A 222 -7.26 22.44 -26.62
C SER A 222 -7.09 23.71 -25.78
N GLN A 223 -7.28 23.61 -24.46
CA GLN A 223 -7.02 24.74 -23.57
C GLN A 223 -5.53 24.99 -23.42
N HIS A 224 -5.13 26.27 -23.46
CA HIS A 224 -3.72 26.71 -23.53
C HIS A 224 -2.83 26.10 -22.44
N ASP A 225 -3.37 25.93 -21.24
CA ASP A 225 -2.57 25.53 -20.09
C ASP A 225 -2.86 24.13 -19.56
N VAL A 226 -3.73 23.39 -20.25
CA VAL A 226 -3.97 21.99 -19.99
C VAL A 226 -3.02 21.19 -20.89
N ASP A 227 -2.19 20.36 -20.25
CA ASP A 227 -1.09 19.69 -20.92
C ASP A 227 -1.32 18.19 -21.08
N GLY A 228 -2.53 17.74 -20.78
CA GLY A 228 -2.86 16.32 -20.83
C GLY A 228 -3.75 15.95 -19.67
N PHE A 229 -3.76 14.68 -19.31
CA PHE A 229 -4.75 14.16 -18.39
C PHE A 229 -4.22 13.10 -17.46
N LEU A 230 -4.82 13.05 -16.27
CA LEU A 230 -4.75 11.86 -15.44
C LEU A 230 -6.13 11.23 -15.45
N VAL A 231 -6.17 9.96 -15.88
CA VAL A 231 -7.41 9.30 -16.26
C VAL A 231 -7.61 8.10 -15.34
N GLY A 232 -8.74 8.08 -14.62
CA GLY A 232 -9.10 6.96 -13.78
C GLY A 232 -9.98 5.93 -14.49
N GLY A 233 -11.29 6.09 -14.35
CA GLY A 233 -12.27 5.14 -14.86
C GLY A 233 -12.04 4.76 -16.31
N ALA A 234 -11.78 5.75 -17.16
CA ALA A 234 -11.67 5.45 -18.59
C ALA A 234 -10.31 4.82 -18.98
N SER A 235 -9.33 4.82 -18.07
CA SER A 235 -8.06 4.14 -18.32
C SER A 235 -8.18 2.60 -18.36
N LEU A 236 -9.29 2.09 -17.85
CA LEU A 236 -9.60 0.66 -17.87
C LEU A 236 -10.38 0.26 -19.10
N LYS A 237 -10.61 1.21 -20.00
CA LYS A 237 -11.46 1.01 -21.18
C LYS A 237 -10.68 1.31 -22.47
N PRO A 238 -11.16 0.78 -23.60
CA PRO A 238 -10.54 1.07 -24.90
C PRO A 238 -10.45 2.56 -25.26
N GLU A 239 -11.39 3.37 -24.79
CA GLU A 239 -11.37 4.82 -25.03
C GLU A 239 -10.17 5.57 -24.39
N PHE A 240 -9.41 4.91 -23.51
CA PHE A 240 -8.13 5.46 -23.07
C PHE A 240 -7.26 5.84 -24.26
N VAL A 241 -7.32 5.04 -25.31
CA VAL A 241 -6.65 5.32 -26.60
C VAL A 241 -7.07 6.65 -27.25
N ASP A 242 -8.36 6.93 -27.26
CA ASP A 242 -8.86 8.19 -27.81
C ASP A 242 -8.38 9.40 -26.97
N ILE A 243 -8.17 9.20 -25.68
CA ILE A 243 -7.71 10.24 -24.77
C ILE A 243 -6.21 10.52 -24.97
N ILE A 244 -5.42 9.45 -25.10
CA ILE A 244 -4.04 9.58 -25.55
C ILE A 244 -4.00 10.44 -26.83
N ASN A 245 -4.96 10.21 -27.74
CA ASN A 245 -5.08 10.91 -29.02
C ASN A 245 -6.07 12.08 -28.98
N ALA A 246 -6.16 12.77 -27.85
CA ALA A 246 -7.17 13.81 -27.66
C ALA A 246 -6.93 14.99 -28.60
N LYS A 247 -5.67 15.22 -28.96
CA LYS A 247 -5.33 16.35 -29.85
C LYS A 247 -5.28 15.95 -31.33
N HIS A 248 -5.63 14.68 -31.61
CA HIS A 248 -5.65 14.14 -32.98
C HIS A 248 -6.88 13.25 -33.21
N ARG B 4 -2.87 -27.76 19.11
CA ARG B 4 -2.60 -26.47 18.39
C ARG B 4 -1.21 -26.51 17.75
N LYS B 5 -1.14 -26.23 16.45
CA LYS B 5 0.11 -26.29 15.69
C LYS B 5 0.88 -24.98 15.83
N PHE B 6 2.15 -25.09 16.19
CA PHE B 6 3.06 -23.97 16.31
C PHE B 6 3.17 -23.22 14.96
N PHE B 7 3.09 -21.90 15.03
CA PHE B 7 2.93 -21.05 13.87
C PHE B 7 3.98 -19.96 13.94
N VAL B 8 4.73 -19.78 12.87
CA VAL B 8 5.73 -18.72 12.78
C VAL B 8 5.55 -17.93 11.49
N GLY B 9 5.21 -16.65 11.63
CA GLY B 9 5.12 -15.75 10.49
C GLY B 9 6.34 -14.87 10.47
N GLY B 10 6.85 -14.58 9.28
CA GLY B 10 7.91 -13.60 9.14
C GLY B 10 7.42 -12.40 8.35
N ASN B 11 7.46 -11.21 8.95
CA ASN B 11 7.02 -9.98 8.30
C ASN B 11 8.24 -9.21 7.83
N TRP B 12 8.52 -9.27 6.53
CA TRP B 12 9.70 -8.60 5.96
C TRP B 12 9.59 -7.08 6.00
N LYS B 13 8.38 -6.58 6.19
CA LYS B 13 8.09 -5.16 6.19
C LYS B 13 8.52 -4.53 4.86
N MET B 14 8.95 -3.27 4.88
CA MET B 14 9.41 -2.60 3.67
C MET B 14 10.91 -2.82 3.49
N ASN B 15 11.25 -4.02 3.09
CA ASN B 15 12.64 -4.42 2.91
C ASN B 15 12.79 -5.34 1.73
N GLY B 16 13.93 -5.21 1.06
CA GLY B 16 14.37 -6.14 0.06
C GLY B 16 14.20 -5.65 -1.37
N ASP B 17 14.95 -6.27 -2.26
CA ASP B 17 14.71 -6.19 -3.69
C ASP B 17 14.71 -7.63 -4.25
N LYS B 18 14.57 -7.80 -5.57
CA LYS B 18 14.42 -9.15 -6.12
C LYS B 18 15.65 -9.98 -5.76
N LYS B 19 16.82 -9.37 -5.84
CA LYS B 19 18.09 -10.04 -5.58
C LYS B 19 18.22 -10.49 -4.12
N SER B 20 18.04 -9.58 -3.16
CA SER B 20 18.27 -9.92 -1.74
C SER B 20 17.16 -10.82 -1.21
N LEU B 21 15.90 -10.58 -1.58
CA LEU B 21 14.80 -11.48 -1.19
C LEU B 21 14.91 -12.85 -1.86
N GLY B 22 15.34 -12.89 -3.11
CA GLY B 22 15.65 -14.13 -3.78
C GLY B 22 16.71 -14.96 -3.06
N GLU B 23 17.67 -14.30 -2.42
CA GLU B 23 18.72 -14.94 -1.60
C GLU B 23 18.12 -15.40 -0.27
N LEU B 24 17.35 -14.52 0.38
CA LEU B 24 16.65 -14.86 1.62
C LEU B 24 15.75 -16.10 1.41
N ILE B 25 15.02 -16.11 0.30
CA ILE B 25 14.09 -17.21 -0.02
C ILE B 25 14.85 -18.50 -0.26
N HIS B 26 15.92 -18.41 -1.04
CA HIS B 26 16.79 -19.57 -1.32
C HIS B 26 17.32 -20.24 -0.04
N THR B 27 17.74 -19.44 0.94
CA THR B 27 18.23 -19.98 2.21
C THR B 27 17.09 -20.67 2.98
N LEU B 28 15.91 -20.04 3.02
CA LEU B 28 14.78 -20.58 3.78
C LEU B 28 14.31 -21.90 3.13
N ASN B 29 14.21 -21.90 1.80
CA ASN B 29 13.83 -23.09 1.04
C ASN B 29 14.70 -24.28 1.40
N GLY B 30 15.99 -24.03 1.58
CA GLY B 30 16.98 -25.08 1.82
C GLY B 30 17.18 -25.46 3.28
N ALA B 31 16.73 -24.60 4.19
CA ALA B 31 16.96 -24.81 5.62
C ALA B 31 16.18 -26.02 6.16
N LYS B 32 16.76 -26.66 7.17
CA LYS B 32 16.15 -27.78 7.87
C LYS B 32 15.12 -27.21 8.85
N LEU B 33 13.86 -27.23 8.43
CA LEU B 33 12.76 -26.64 9.17
C LEU B 33 11.92 -27.73 9.77
N SER B 34 11.68 -27.60 11.08
CA SER B 34 10.81 -28.48 11.81
C SER B 34 9.47 -28.67 11.06
N ALA B 35 9.15 -29.91 10.69
CA ALA B 35 7.99 -30.16 9.85
C ALA B 35 6.65 -29.83 10.53
N ASP B 36 6.65 -29.69 11.86
CA ASP B 36 5.42 -29.38 12.61
C ASP B 36 5.23 -27.87 12.92
N THR B 37 5.98 -27.02 12.23
CA THR B 37 5.80 -25.57 12.29
C THR B 37 5.12 -25.14 11.01
N GLU B 38 4.02 -24.39 11.16
CA GLU B 38 3.36 -23.72 10.04
C GLU B 38 4.04 -22.37 9.78
N VAL B 39 4.58 -22.19 8.58
CA VAL B 39 5.43 -21.05 8.27
C VAL B 39 4.81 -20.21 7.17
N VAL B 40 4.83 -18.88 7.38
CA VAL B 40 4.23 -17.90 6.46
C VAL B 40 5.13 -16.69 6.39
N CYS B 41 5.41 -16.23 5.18
CA CYS B 41 6.25 -15.05 4.95
C CYS B 41 5.44 -13.90 4.37
N GLY B 42 5.55 -12.74 5.02
CA GLY B 42 4.85 -11.54 4.62
C GLY B 42 5.75 -10.68 3.75
N ALA B 43 5.49 -10.70 2.47
CA ALA B 43 6.29 -10.00 1.49
C ALA B 43 5.66 -8.65 1.13
N PRO B 44 6.49 -7.67 0.77
CA PRO B 44 5.94 -6.41 0.26
C PRO B 44 5.12 -6.68 -1.00
N SER B 45 4.10 -5.85 -1.20
CA SER B 45 3.07 -6.14 -2.20
C SER B 45 3.66 -6.23 -3.60
N ILE B 46 4.63 -5.36 -3.86
CA ILE B 46 5.32 -5.31 -5.12
C ILE B 46 6.11 -6.59 -5.45
N TYR B 47 6.39 -7.40 -4.45
CA TYR B 47 7.13 -8.65 -4.60
C TYR B 47 6.33 -9.90 -4.23
N LEU B 48 5.05 -9.75 -3.92
CA LEU B 48 4.22 -10.89 -3.51
C LEU B 48 4.19 -12.03 -4.54
N ASP B 49 4.05 -11.68 -5.82
CA ASP B 49 3.99 -12.65 -6.93
C ASP B 49 5.32 -13.40 -7.03
N PHE B 50 6.41 -12.64 -7.09
CA PHE B 50 7.79 -13.15 -7.06
C PHE B 50 8.03 -14.07 -5.87
N ALA B 51 7.54 -13.68 -4.70
CA ALA B 51 7.80 -14.42 -3.45
C ALA B 51 7.12 -15.78 -3.50
N ARG B 52 5.91 -15.83 -4.06
CA ARG B 52 5.13 -17.06 -4.12
C ARG B 52 5.70 -18.01 -5.17
N GLN B 53 6.16 -17.47 -6.31
CA GLN B 53 6.86 -18.27 -7.30
C GLN B 53 8.11 -18.93 -6.68
N LYS B 54 8.85 -18.17 -5.87
CA LYS B 54 10.19 -18.58 -5.43
C LYS B 54 10.18 -19.42 -4.14
N LEU B 55 9.35 -19.04 -3.17
CA LEU B 55 9.20 -19.84 -1.97
C LEU B 55 8.57 -21.19 -2.28
N ASP B 56 9.10 -22.22 -1.62
CA ASP B 56 8.54 -23.57 -1.64
C ASP B 56 7.10 -23.50 -1.18
N ALA B 57 6.25 -24.31 -1.81
CA ALA B 57 4.81 -24.35 -1.53
C ALA B 57 4.44 -24.64 -0.09
N LYS B 58 5.30 -25.33 0.67
CA LYS B 58 4.97 -25.60 2.08
C LYS B 58 5.14 -24.39 3.00
N ILE B 59 5.77 -23.33 2.48
CA ILE B 59 5.83 -22.05 3.17
C ILE B 59 4.76 -21.14 2.59
N GLY B 60 3.90 -20.61 3.45
CA GLY B 60 2.87 -19.67 3.05
C GLY B 60 3.41 -18.28 2.72
N VAL B 61 2.62 -17.55 1.94
CA VAL B 61 2.90 -16.16 1.61
C VAL B 61 1.74 -15.28 2.07
N ALA B 62 2.06 -14.21 2.79
CA ALA B 62 1.08 -13.25 3.27
C ALA B 62 1.30 -11.87 2.62
N ALA B 63 0.22 -11.22 2.22
CA ALA B 63 0.25 -9.80 1.96
C ALA B 63 0.42 -9.11 3.31
N GLN B 64 1.02 -7.91 3.33
CA GLN B 64 1.29 -7.20 4.59
C GLN B 64 0.12 -6.29 4.99
N ASN B 65 -0.85 -6.17 4.08
CA ASN B 65 -2.05 -5.36 4.27
C ASN B 65 -2.95 -5.52 3.05
N CYS B 66 -4.22 -5.20 3.19
CA CYS B 66 -5.11 -5.15 2.03
C CYS B 66 -6.30 -4.25 2.33
N TYR B 67 -7.16 -4.03 1.35
CA TYR B 67 -8.33 -3.19 1.57
C TYR B 67 -9.57 -4.07 1.72
N LYS B 68 -10.73 -3.44 1.85
CA LYS B 68 -11.95 -4.09 2.34
C LYS B 68 -13.04 -4.35 1.28
N VAL B 69 -12.73 -4.08 0.00
CA VAL B 69 -13.59 -4.49 -1.11
C VAL B 69 -12.71 -5.14 -2.22
N PRO B 70 -13.29 -5.87 -3.16
CA PRO B 70 -12.50 -6.48 -4.25
C PRO B 70 -11.88 -5.49 -5.23
N LYS B 71 -12.58 -4.40 -5.51
CA LYS B 71 -12.11 -3.42 -6.46
C LYS B 71 -12.69 -2.04 -6.17
N GLY B 72 -12.09 -1.00 -6.74
CA GLY B 72 -12.72 0.31 -6.77
C GLY B 72 -11.71 1.44 -6.73
N ALA B 73 -12.20 2.65 -6.47
CA ALA B 73 -11.41 3.86 -6.55
C ALA B 73 -10.59 4.08 -5.28
N PHE B 74 -9.58 3.24 -5.10
CA PHE B 74 -8.74 3.26 -3.92
C PHE B 74 -7.27 3.18 -4.35
N THR B 75 -6.79 4.29 -4.87
CA THR B 75 -5.39 4.46 -5.29
C THR B 75 -4.44 3.98 -4.19
N GLY B 76 -3.52 3.10 -4.57
CA GLY B 76 -2.46 2.59 -3.71
C GLY B 76 -2.81 1.33 -2.95
N GLU B 77 -4.05 0.87 -3.03
CA GLU B 77 -4.51 -0.29 -2.30
C GLU B 77 -4.57 -1.57 -3.17
N ILE B 78 -4.57 -2.71 -2.47
CA ILE B 78 -4.73 -4.02 -3.09
C ILE B 78 -5.82 -4.76 -2.36
N SER B 79 -6.46 -5.70 -3.06
CA SER B 79 -7.59 -6.42 -2.51
C SER B 79 -7.24 -7.88 -2.31
N PRO B 80 -7.99 -8.57 -1.48
CA PRO B 80 -7.85 -10.03 -1.36
C PRO B 80 -7.95 -10.76 -2.70
N ALA B 81 -8.76 -10.29 -3.63
CA ALA B 81 -8.90 -10.97 -4.91
C ALA B 81 -7.59 -10.89 -5.68
N MET B 82 -6.85 -9.79 -5.51
CA MET B 82 -5.56 -9.66 -6.16
C MET B 82 -4.55 -10.58 -5.48
N ILE B 83 -4.64 -10.69 -4.15
CA ILE B 83 -3.72 -11.53 -3.38
C ILE B 83 -3.89 -13.01 -3.80
N LYS B 84 -5.14 -13.46 -3.95
CA LYS B 84 -5.44 -14.82 -4.41
C LYS B 84 -4.95 -15.06 -5.85
N ASP B 85 -5.14 -14.06 -6.71
CA ASP B 85 -4.79 -14.15 -8.14
C ASP B 85 -3.30 -14.47 -8.29
N ILE B 86 -2.52 -13.99 -7.34
CA ILE B 86 -1.07 -14.16 -7.31
C ILE B 86 -0.62 -15.46 -6.63
N GLY B 87 -1.57 -16.17 -6.04
CA GLY B 87 -1.36 -17.49 -5.49
C GLY B 87 -1.12 -17.53 -3.99
N ALA B 88 -1.24 -16.40 -3.30
CA ALA B 88 -1.01 -16.30 -1.86
C ALA B 88 -2.32 -16.44 -1.09
N ALA B 89 -2.23 -17.01 0.11
CA ALA B 89 -3.41 -17.38 0.89
C ALA B 89 -3.52 -16.67 2.26
N TRP B 90 -2.63 -15.74 2.57
CA TRP B 90 -2.69 -15.04 3.86
C TRP B 90 -2.66 -13.54 3.71
N VAL B 91 -3.09 -12.85 4.77
CA VAL B 91 -2.87 -11.43 4.90
C VAL B 91 -2.69 -11.04 6.36
N ILE B 92 -1.78 -10.11 6.60
CA ILE B 92 -1.56 -9.55 7.92
C ILE B 92 -2.44 -8.30 8.03
N LEU B 93 -3.25 -8.25 9.08
CA LEU B 93 -4.17 -7.13 9.28
C LEU B 93 -4.02 -6.52 10.66
N GLY B 94 -4.17 -5.20 10.72
CA GLY B 94 -4.16 -4.49 11.99
C GLY B 94 -2.79 -4.40 12.61
N HIS B 95 -1.74 -4.60 11.81
CA HIS B 95 -0.39 -4.45 12.32
C HIS B 95 -0.18 -3.07 12.94
N SER B 96 0.68 -3.03 13.94
CA SER B 96 0.98 -1.84 14.71
C SER B 96 1.32 -0.63 13.84
N GLU B 97 2.15 -0.85 12.82
CA GLU B 97 2.51 0.21 11.89
C GLU B 97 1.28 0.75 11.11
N ARG B 98 0.36 -0.11 10.68
CA ARG B 98 -0.87 0.35 10.04
C ARG B 98 -1.72 1.23 10.97
N ARG B 99 -1.83 0.82 12.23
CA ARG B 99 -2.65 1.52 13.23
C ARG B 99 -2.04 2.85 13.67
N HIS B 100 -0.75 2.83 13.97
CA HIS B 100 -0.10 3.91 14.69
C HIS B 100 0.83 4.80 13.86
N VAL B 101 1.24 4.32 12.68
CA VAL B 101 1.89 5.18 11.69
C VAL B 101 0.85 5.68 10.68
N PHE B 102 -0.05 4.80 10.25
CA PHE B 102 -0.99 5.10 9.16
C PHE B 102 -2.47 5.24 9.59
N GLY B 103 -2.71 5.27 10.90
CA GLY B 103 -4.01 5.67 11.44
C GLY B 103 -5.16 4.73 11.15
N GLU B 104 -4.90 3.44 10.95
CA GLU B 104 -6.01 2.50 10.62
C GLU B 104 -6.79 2.26 11.92
N SER B 105 -8.11 2.47 11.88
CA SER B 105 -8.98 2.31 13.06
C SER B 105 -9.41 0.86 13.25
N ASP B 106 -9.95 0.56 14.43
CA ASP B 106 -10.47 -0.76 14.75
C ASP B 106 -11.61 -1.16 13.80
N GLU B 107 -12.50 -0.21 13.48
CA GLU B 107 -13.60 -0.45 12.55
C GLU B 107 -13.08 -0.81 11.15
N LEU B 108 -12.08 -0.09 10.67
CA LEU B 108 -11.49 -0.38 9.35
C LEU B 108 -10.83 -1.76 9.34
N ILE B 109 -10.04 -2.07 10.37
CA ILE B 109 -9.39 -3.38 10.47
C ILE B 109 -10.47 -4.48 10.52
N GLY B 110 -11.54 -4.24 11.26
CA GLY B 110 -12.64 -5.20 11.34
C GLY B 110 -13.26 -5.50 10.00
N GLN B 111 -13.57 -4.47 9.22
CA GLN B 111 -14.13 -4.63 7.88
C GLN B 111 -13.15 -5.39 6.98
N LYS B 112 -11.86 -5.10 7.10
CA LYS B 112 -10.82 -5.82 6.35
C LYS B 112 -10.79 -7.30 6.70
N VAL B 113 -10.94 -7.60 8.00
CA VAL B 113 -10.93 -8.97 8.49
C VAL B 113 -12.12 -9.71 7.88
N ALA B 114 -13.34 -9.18 8.03
CA ALA B 114 -14.52 -9.79 7.41
C ALA B 114 -14.32 -10.07 5.93
N HIS B 115 -13.88 -9.07 5.19
CA HIS B 115 -13.74 -9.21 3.76
C HIS B 115 -12.64 -10.24 3.38
N ALA B 116 -11.49 -10.18 4.04
CA ALA B 116 -10.40 -11.09 3.73
C ALA B 116 -10.87 -12.54 3.89
N LEU B 117 -11.55 -12.82 5.00
CA LEU B 117 -12.00 -14.16 5.31
C LEU B 117 -13.09 -14.64 4.34
N ALA B 118 -13.99 -13.73 3.96
CA ALA B 118 -15.06 -14.07 3.02
C ALA B 118 -14.51 -14.38 1.63
N GLU B 119 -13.36 -13.81 1.31
CA GLU B 119 -12.70 -14.04 0.02
C GLU B 119 -11.83 -15.28 -0.01
N GLY B 120 -11.60 -15.89 1.16
CA GLY B 120 -10.95 -17.18 1.26
C GLY B 120 -9.50 -17.10 1.76
N LEU B 121 -9.08 -15.94 2.24
CA LEU B 121 -7.73 -15.79 2.80
C LEU B 121 -7.72 -16.18 4.28
N GLY B 122 -6.53 -16.55 4.75
CA GLY B 122 -6.21 -16.57 6.15
C GLY B 122 -5.80 -15.18 6.61
N VAL B 123 -6.04 -14.88 7.88
CA VAL B 123 -5.71 -13.61 8.47
C VAL B 123 -4.86 -13.82 9.72
N ILE B 124 -3.74 -13.09 9.78
CA ILE B 124 -2.98 -12.88 10.99
C ILE B 124 -3.42 -11.52 11.51
N ALA B 125 -4.26 -11.54 12.55
CA ALA B 125 -4.85 -10.33 13.09
C ALA B 125 -4.01 -9.83 14.27
N CYS B 126 -3.47 -8.63 14.13
CA CYS B 126 -2.56 -8.08 15.13
C CYS B 126 -3.24 -7.16 16.12
N ILE B 127 -2.84 -7.28 17.37
CA ILE B 127 -3.30 -6.43 18.46
C ILE B 127 -2.09 -6.10 19.31
N GLY B 128 -2.24 -5.08 20.14
CA GLY B 128 -1.20 -4.74 21.10
C GLY B 128 -1.32 -3.33 21.64
N GLU B 129 -0.96 -3.18 22.91
CA GLU B 129 -0.99 -1.90 23.59
C GLU B 129 0.32 -1.13 23.42
N LYS B 130 0.23 0.18 23.52
CA LYS B 130 1.39 1.07 23.53
C LYS B 130 2.02 1.21 24.91
N LEU B 131 3.20 1.80 24.96
CA LEU B 131 3.90 1.98 26.21
C LEU B 131 3.09 2.78 27.22
N ASP B 132 2.47 3.89 26.79
CA ASP B 132 1.67 4.70 27.73
C ASP B 132 0.47 3.93 28.27
N GLU B 133 -0.13 3.11 27.42
CA GLU B 133 -1.25 2.26 27.82
C GLU B 133 -0.83 1.18 28.81
N ARG B 134 0.33 0.55 28.61
CA ARG B 134 0.78 -0.45 29.58
C ARG B 134 1.09 0.20 30.93
N GLU B 135 1.76 1.35 30.86
CA GLU B 135 2.22 2.04 32.05
C GLU B 135 1.04 2.58 32.85
N ALA B 136 -0.13 2.77 32.20
CA ALA B 136 -1.33 3.23 32.90
C ALA B 136 -2.25 2.09 33.43
N GLY B 137 -1.82 0.83 33.32
CA GLY B 137 -2.56 -0.30 33.87
C GLY B 137 -3.75 -0.76 33.02
N ILE B 138 -3.68 -0.45 31.73
CA ILE B 138 -4.83 -0.50 30.83
C ILE B 138 -4.61 -1.51 29.67
N THR B 139 -3.57 -2.33 29.78
CA THR B 139 -3.21 -3.31 28.73
C THR B 139 -4.38 -4.21 28.34
N GLU B 140 -5.02 -4.78 29.35
CA GLU B 140 -6.12 -5.72 29.18
C GLU B 140 -7.25 -5.06 28.41
N LYS B 141 -7.68 -3.89 28.89
CA LYS B 141 -8.77 -3.14 28.23
C LYS B 141 -8.48 -2.88 26.74
N VAL B 142 -7.25 -2.49 26.41
CA VAL B 142 -6.89 -2.15 25.04
C VAL B 142 -6.90 -3.40 24.15
N VAL B 143 -6.26 -4.47 24.57
CA VAL B 143 -6.22 -5.68 23.72
C VAL B 143 -7.56 -6.42 23.62
N PHE B 144 -8.40 -6.31 24.64
CA PHE B 144 -9.76 -6.87 24.61
C PHE B 144 -10.62 -6.11 23.62
N GLU B 145 -10.54 -4.78 23.67
CA GLU B 145 -11.24 -3.92 22.73
C GLU B 145 -10.78 -4.19 21.28
N GLN B 146 -9.47 -4.34 21.09
CA GLN B 146 -8.94 -4.64 19.77
C GLN B 146 -9.39 -6.02 19.31
N THR B 147 -9.36 -6.98 20.24
CA THR B 147 -9.67 -8.36 19.90
C THR B 147 -11.14 -8.47 19.55
N LYS B 148 -11.97 -7.72 20.27
CA LYS B 148 -13.42 -7.70 20.06
C LYS B 148 -13.77 -7.19 18.67
N ALA B 149 -13.06 -6.15 18.22
CA ALA B 149 -13.31 -5.54 16.93
C ALA B 149 -12.96 -6.52 15.81
N ILE B 150 -11.96 -7.37 16.04
CA ILE B 150 -11.66 -8.48 15.15
C ILE B 150 -12.74 -9.58 15.24
N ALA B 151 -13.02 -10.07 16.46
CA ALA B 151 -13.94 -11.19 16.69
C ALA B 151 -15.35 -10.97 16.16
N ASP B 152 -15.84 -9.74 16.24
CA ASP B 152 -17.14 -9.31 15.71
C ASP B 152 -17.25 -9.55 14.20
N ASN B 153 -16.12 -9.67 13.52
CA ASN B 153 -16.05 -9.86 12.07
C ASN B 153 -15.47 -11.20 11.62
N VAL B 154 -15.45 -12.16 12.55
CA VAL B 154 -14.98 -13.52 12.30
C VAL B 154 -16.14 -14.50 12.53
N LYS B 155 -16.58 -15.17 11.47
CA LYS B 155 -17.60 -16.21 11.61
C LYS B 155 -16.89 -17.54 11.90
N ASP B 156 -15.82 -17.80 11.16
CA ASP B 156 -15.03 -19.03 11.27
C ASP B 156 -13.56 -18.73 11.65
N TRP B 157 -13.13 -19.21 12.81
CA TRP B 157 -11.76 -18.98 13.31
C TRP B 157 -10.65 -19.91 12.75
N SER B 158 -11.06 -20.96 12.00
CA SER B 158 -10.14 -21.91 11.36
C SER B 158 -8.88 -21.28 10.76
N LYS B 159 -9.09 -20.17 10.03
CA LYS B 159 -8.02 -19.54 9.23
C LYS B 159 -7.59 -18.19 9.83
N VAL B 160 -7.86 -17.99 11.12
CA VAL B 160 -7.39 -16.82 11.85
C VAL B 160 -6.28 -17.22 12.83
N VAL B 161 -5.22 -16.42 12.86
CA VAL B 161 -4.22 -16.45 13.91
C VAL B 161 -4.18 -15.08 14.54
N LEU B 162 -4.25 -15.02 15.87
CA LEU B 162 -4.14 -13.78 16.62
C LEU B 162 -2.69 -13.55 17.01
N ALA B 163 -2.20 -12.35 16.78
CA ALA B 163 -0.83 -11.99 17.08
C ALA B 163 -0.83 -10.83 18.05
N TYR B 164 -0.34 -11.10 19.26
CA TYR B 164 -0.18 -10.08 20.27
C TYR B 164 1.23 -9.52 20.13
N GLU B 165 1.34 -8.23 19.87
CA GLU B 165 2.62 -7.58 19.72
C GLU B 165 2.56 -6.24 20.41
N PRO B 166 3.09 -6.12 21.62
CA PRO B 166 3.01 -4.85 22.30
C PRO B 166 3.92 -3.89 21.53
N VAL B 167 3.45 -2.66 21.33
CA VAL B 167 4.08 -1.69 20.43
C VAL B 167 5.49 -1.33 20.90
N TRP B 168 5.65 -1.23 22.22
CA TRP B 168 6.95 -1.01 22.84
C TRP B 168 7.99 -2.11 22.58
N ALA B 169 7.57 -3.29 22.11
CA ALA B 169 8.49 -4.37 21.76
C ALA B 169 8.82 -4.47 20.25
N ILE B 170 8.12 -3.71 19.42
CA ILE B 170 8.30 -3.84 17.98
C ILE B 170 9.48 -2.97 17.54
N GLY B 171 10.57 -3.65 17.17
CA GLY B 171 11.70 -3.03 16.51
C GLY B 171 12.65 -2.40 17.51
N THR B 172 12.35 -2.50 18.80
CA THR B 172 13.07 -1.69 19.79
C THR B 172 14.25 -2.42 20.40
N GLY B 173 14.35 -3.73 20.17
CA GLY B 173 15.27 -4.59 20.90
C GLY B 173 14.82 -4.90 22.34
N ASN B 174 13.63 -4.44 22.75
CA ASN B 174 13.16 -4.63 24.13
C ASN B 174 12.00 -5.59 24.09
N SER B 175 12.30 -6.88 24.11
CA SER B 175 11.26 -7.89 24.04
C SER B 175 10.37 -7.92 25.28
N SER B 176 9.16 -8.43 25.14
CA SER B 176 8.40 -8.88 26.30
C SER B 176 9.18 -9.99 27.00
N THR B 177 9.08 -10.09 28.31
CA THR B 177 9.64 -11.24 29.01
C THR B 177 8.67 -12.37 28.76
N PRO B 178 9.11 -13.61 28.96
CA PRO B 178 8.18 -14.75 28.91
C PRO B 178 6.98 -14.60 29.82
N GLN B 179 7.16 -13.95 30.96
CA GLN B 179 6.09 -13.83 31.94
C GLN B 179 5.05 -12.75 31.52
N GLN B 180 5.52 -11.58 31.09
CA GLN B 180 4.64 -10.54 30.54
C GLN B 180 3.77 -11.08 29.40
N ALA B 181 4.39 -11.82 28.48
CA ALA B 181 3.69 -12.32 27.30
C ALA B 181 2.64 -13.36 27.70
N GLN B 182 3.03 -14.32 28.55
CA GLN B 182 2.12 -15.33 29.08
C GLN B 182 0.92 -14.71 29.78
N GLU B 183 1.14 -13.66 30.58
CA GLU B 183 0.05 -13.03 31.32
C GLU B 183 -0.99 -12.50 30.33
N VAL B 184 -0.55 -11.97 29.20
CA VAL B 184 -1.49 -11.44 28.20
C VAL B 184 -2.14 -12.56 27.37
N HIS B 185 -1.34 -13.50 26.86
CA HIS B 185 -1.86 -14.58 26.02
C HIS B 185 -2.96 -15.36 26.74
N GLU B 186 -2.69 -15.67 27.99
CA GLU B 186 -3.63 -16.34 28.89
C GLU B 186 -4.95 -15.56 29.02
N LYS B 187 -4.84 -14.24 29.17
CA LYS B 187 -6.03 -13.40 29.21
C LYS B 187 -6.77 -13.37 27.87
N LEU B 188 -6.04 -13.29 26.76
CA LEU B 188 -6.67 -13.30 25.43
C LEU B 188 -7.40 -14.61 25.18
N ARG B 189 -6.86 -15.73 25.66
CA ARG B 189 -7.47 -17.03 25.40
C ARG B 189 -8.75 -17.15 26.23
N GLY B 190 -8.70 -16.66 27.46
CA GLY B 190 -9.85 -16.60 28.34
C GLY B 190 -10.93 -15.72 27.77
N TRP B 191 -10.54 -14.66 27.08
CA TRP B 191 -11.48 -13.81 26.37
C TRP B 191 -12.19 -14.59 25.27
N LEU B 192 -11.43 -15.34 24.48
CA LEU B 192 -12.01 -16.17 23.42
C LEU B 192 -12.98 -17.19 24.02
N LYS B 193 -12.62 -17.75 25.18
CA LYS B 193 -13.45 -18.73 25.88
C LYS B 193 -14.80 -18.14 26.31
N SER B 194 -14.78 -16.94 26.87
CA SER B 194 -15.98 -16.39 27.49
C SER B 194 -16.89 -15.74 26.46
N HIS B 195 -16.32 -15.21 25.38
CA HIS B 195 -17.03 -14.39 24.38
C HIS B 195 -17.28 -15.06 23.02
N VAL B 196 -16.58 -16.16 22.73
CA VAL B 196 -16.81 -16.92 21.50
C VAL B 196 -17.24 -18.34 21.90
N SER B 197 -16.27 -19.21 22.16
CA SER B 197 -16.53 -20.58 22.65
C SER B 197 -15.27 -21.24 23.22
N ASP B 198 -15.44 -22.25 24.08
CA ASP B 198 -14.30 -23.02 24.55
C ASP B 198 -13.49 -23.61 23.37
N ALA B 199 -14.18 -24.19 22.38
CA ALA B 199 -13.52 -24.79 21.22
C ALA B 199 -12.57 -23.83 20.48
N VAL B 200 -13.01 -22.58 20.31
CA VAL B 200 -12.25 -21.55 19.61
C VAL B 200 -11.08 -21.12 20.50
N ALA B 201 -11.30 -21.03 21.81
CA ALA B 201 -10.21 -20.75 22.75
C ALA B 201 -9.11 -21.79 22.67
N GLN B 202 -9.44 -23.08 22.70
CA GLN B 202 -8.39 -24.12 22.67
C GLN B 202 -7.77 -24.37 21.27
N SER B 203 -8.43 -23.93 20.19
CA SER B 203 -7.96 -24.19 18.83
C SER B 203 -7.31 -22.99 18.11
N THR B 204 -7.47 -21.78 18.64
CA THR B 204 -6.90 -20.58 18.01
C THR B 204 -5.46 -20.31 18.45
N ARG B 205 -4.53 -20.26 17.49
CA ARG B 205 -3.15 -19.88 17.80
C ARG B 205 -3.10 -18.40 18.18
N ILE B 206 -2.47 -18.13 19.31
CA ILE B 206 -2.15 -16.77 19.71
C ILE B 206 -0.63 -16.72 19.76
N ILE B 207 -0.05 -15.99 18.82
CA ILE B 207 1.40 -15.88 18.68
C ILE B 207 1.87 -14.55 19.23
N TYR B 208 3.11 -14.52 19.72
CA TYR B 208 3.71 -13.28 20.24
C TYR B 208 4.62 -12.65 19.18
N GLY B 209 4.68 -11.33 19.15
CA GLY B 209 5.65 -10.61 18.36
C GLY B 209 6.16 -9.35 19.07
N GLY B 210 7.37 -8.93 18.71
CA GLY B 210 8.08 -7.84 19.35
C GLY B 210 9.48 -8.27 19.77
N SER B 211 10.45 -8.04 18.88
CA SER B 211 11.87 -8.36 19.06
C SER B 211 12.15 -9.84 19.38
N VAL B 212 11.44 -10.72 18.70
CA VAL B 212 11.73 -12.14 18.80
C VAL B 212 13.05 -12.39 18.07
N THR B 213 13.95 -13.10 18.73
CA THR B 213 15.27 -13.42 18.19
C THR B 213 15.53 -14.92 18.39
N GLY B 214 16.63 -15.41 17.82
CA GLY B 214 17.09 -16.76 18.07
C GLY B 214 17.39 -17.02 19.53
N GLY B 215 17.94 -16.00 20.20
CA GLY B 215 18.35 -16.13 21.60
C GLY B 215 17.24 -16.08 22.62
N ASN B 216 16.07 -15.52 22.29
CA ASN B 216 14.99 -15.44 23.27
C ASN B 216 13.76 -16.25 22.91
N CYS B 217 13.75 -16.89 21.75
CA CYS B 217 12.52 -17.54 21.26
C CYS B 217 12.12 -18.81 22.02
N LYS B 218 13.08 -19.60 22.49
CA LYS B 218 12.79 -20.86 23.17
C LYS B 218 12.02 -20.64 24.48
N GLU B 219 12.51 -19.72 25.30
CA GLU B 219 11.82 -19.36 26.54
C GLU B 219 10.45 -18.71 26.30
N LEU B 220 10.28 -17.95 25.23
CA LEU B 220 8.96 -17.41 24.89
C LEU B 220 8.00 -18.55 24.50
N ALA B 221 8.45 -19.50 23.69
CA ALA B 221 7.56 -20.54 23.14
C ALA B 221 7.08 -21.58 24.17
N SER B 222 7.83 -21.76 25.25
CA SER B 222 7.50 -22.78 26.23
C SER B 222 6.41 -22.32 27.20
N GLN B 223 6.08 -21.03 27.17
CA GLN B 223 4.94 -20.53 27.92
C GLN B 223 3.64 -21.14 27.37
N HIS B 224 2.76 -21.53 28.28
CA HIS B 224 1.62 -22.39 27.97
C HIS B 224 0.75 -21.83 26.85
N ASP B 225 0.54 -20.52 26.85
CA ASP B 225 -0.37 -19.88 25.91
C ASP B 225 0.29 -19.10 24.77
N VAL B 226 1.62 -19.17 24.64
CA VAL B 226 2.30 -18.67 23.44
C VAL B 226 2.44 -19.80 22.42
N ASP B 227 1.88 -19.57 21.22
CA ASP B 227 1.72 -20.62 20.20
C ASP B 227 2.61 -20.43 18.98
N GLY B 228 3.58 -19.52 19.09
CA GLY B 228 4.41 -19.19 17.95
C GLY B 228 4.70 -17.71 17.90
N PHE B 229 5.15 -17.24 16.75
CA PHE B 229 5.67 -15.87 16.66
C PHE B 229 5.34 -15.14 15.38
N LEU B 230 5.23 -13.82 15.50
CA LEU B 230 5.30 -12.97 14.34
C LEU B 230 6.60 -12.22 14.48
N VAL B 231 7.48 -12.43 13.49
CA VAL B 231 8.84 -12.00 13.56
C VAL B 231 9.10 -10.92 12.51
N GLY B 232 9.69 -9.81 12.95
CA GLY B 232 10.00 -8.70 12.06
C GLY B 232 11.43 -8.77 11.58
N GLY B 233 12.33 -8.04 12.24
CA GLY B 233 13.70 -7.87 11.78
C GLY B 233 14.49 -9.16 11.66
N ALA B 234 14.21 -10.12 12.55
CA ALA B 234 14.91 -11.39 12.51
C ALA B 234 14.38 -12.32 11.39
N SER B 235 13.25 -11.96 10.76
CA SER B 235 12.76 -12.69 9.58
C SER B 235 13.67 -12.48 8.36
N LEU B 236 14.46 -11.42 8.39
CA LEU B 236 15.39 -11.10 7.31
C LEU B 236 16.76 -11.76 7.47
N LYS B 237 16.94 -12.56 8.52
CA LYS B 237 18.25 -13.11 8.90
C LYS B 237 18.21 -14.65 8.98
N PRO B 238 19.36 -15.30 8.98
CA PRO B 238 19.39 -16.77 9.12
C PRO B 238 18.69 -17.30 10.37
N GLU B 239 18.66 -16.52 11.45
CA GLU B 239 18.12 -16.99 12.72
C GLU B 239 16.60 -17.22 12.70
N PHE B 240 15.92 -16.79 11.64
CA PHE B 240 14.49 -17.06 11.45
C PHE B 240 14.28 -18.58 11.46
N VAL B 241 15.26 -19.33 10.96
CA VAL B 241 15.27 -20.78 10.99
C VAL B 241 15.21 -21.31 12.44
N ASP B 242 16.05 -20.75 13.29
CA ASP B 242 16.05 -21.11 14.70
C ASP B 242 14.71 -20.80 15.39
N ILE B 243 14.04 -19.73 14.99
CA ILE B 243 12.76 -19.38 15.60
C ILE B 243 11.68 -20.36 15.18
N ILE B 244 11.70 -20.75 13.92
CA ILE B 244 10.82 -21.80 13.40
C ILE B 244 11.03 -23.12 14.18
N ASN B 245 12.26 -23.36 14.61
CA ASN B 245 12.65 -24.57 15.37
C ASN B 245 12.66 -24.38 16.89
N ALA B 246 11.85 -23.43 17.39
CA ALA B 246 11.92 -23.00 18.78
C ALA B 246 11.52 -24.09 19.77
N LYS B 247 10.64 -24.99 19.33
CA LYS B 247 10.12 -26.07 20.16
C LYS B 247 11.01 -27.32 20.17
N HIS B 248 11.95 -27.42 19.24
CA HIS B 248 12.91 -28.54 19.22
C HIS B 248 14.35 -27.98 19.24
P PGA C . -11.64 9.46 -12.83
O1P PGA C . -10.34 9.45 -11.89
O2P PGA C . -11.18 9.62 -14.23
O3P PGA C . -12.51 10.63 -12.37
O4P PGA C . -12.40 8.14 -12.69
C2 PGA C . -9.31 10.39 -12.07
C1 PGA C . -8.22 10.11 -11.07
O1 PGA C . -8.55 9.49 -9.87
O2 PGA C . -6.99 10.43 -11.26
P PGA D . 10.21 -7.06 15.23
O1P PGA D . 8.80 -6.87 14.53
O2P PGA D . 10.51 -8.52 15.33
O3P PGA D . 10.05 -6.46 16.63
O4P PGA D . 11.24 -6.31 14.37
C2 PGA D . 7.66 -7.55 15.02
C1 PGA D . 6.56 -7.30 14.01
O1 PGA D . 6.45 -6.07 13.40
O2 PGA D . 5.68 -8.20 13.68
#